data_6BCB
#
_entry.id   6BCB
#
_cell.length_a   48.934
_cell.length_b   60.039
_cell.length_c   65.475
_cell.angle_alpha   90.00
_cell.angle_beta   108.14
_cell.angle_gamma   90.00
#
_symmetry.space_group_name_H-M   'P 1 21 1'
#
loop_
_entity.id
_entity.type
_entity.pdbx_description
1 polymer 'Transforming protein RhoA'
2 polymer 'Rho guanine nucleotide exchange factor 18'
3 non-polymer "5'-GUANOSINE-DIPHOSPHATE-MONOTHIOPHOSPHATE"
4 non-polymer 'MAGNESIUM ION'
5 non-polymer 1,2-ETHANEDIOL
6 water water
#
loop_
_entity_poly.entity_id
_entity_poly.type
_entity_poly.pdbx_seq_one_letter_code
_entity_poly.pdbx_strand_id
1 'polypeptide(L)'
;GILDMAAIRKKLVIVGDGACGKTCLLIVFSKDQFPEVYVPTVFENYVADIEVDGKQVELALWDTAGQEDYDRLRPLSYPD
TDVILMCFSIDSPDSLENIPEKWTPEVKHFCPNVPIILVGNKKDLRNDEHTRRELAKMKQEPVKPEEGRDMANRIGAFGY
MECSAKTKDGVREVFEMATRAALQA
;
F
2 'polypeptide(L)'
;AIHYEKDQRLKEIAAKTDQKSSGKLKNGLTFRKEDMLQQRQLHLEGALCWKSTSGRLKDVLAVLLTDVLLLLQEKDQKYV
FASVDSKPPVISLQKLIVREVANEEKAMFLISASMQGPEMYEMYTSSKEDRNIWMAHIRRAVESCP
;
A
#
loop_
_chem_comp.id
_chem_comp.type
_chem_comp.name
_chem_comp.formula
EDO non-polymer 1,2-ETHANEDIOL 'C2 H6 O2'
GSP non-polymer 5'-GUANOSINE-DIPHOSPHATE-MONOTHIOPHOSPHATE 'C10 H16 N5 O13 P3 S'
MG non-polymer 'MAGNESIUM ION' 'Mg 2'
#
# COMPACT_ATOMS: atom_id res chain seq x y z
N MET A 5 4.64 11.57 -18.43
CA MET A 5 3.98 11.73 -19.75
C MET A 5 3.46 10.45 -20.41
N ALA A 6 3.64 9.28 -19.80
CA ALA A 6 3.03 8.08 -20.36
C ALA A 6 1.53 8.30 -20.41
N ALA A 7 0.88 7.81 -21.47
CA ALA A 7 -0.57 7.93 -21.60
C ALA A 7 -1.28 6.67 -21.15
N ILE A 8 -0.50 5.64 -20.80
CA ILE A 8 -1.03 4.40 -20.28
C ILE A 8 -0.54 4.21 -18.85
N ARG A 9 -1.44 3.95 -17.91
CA ARG A 9 -1.07 3.64 -16.52
C ARG A 9 -1.60 2.26 -16.13
N LYS A 10 -0.74 1.47 -15.49
CA LYS A 10 -1.15 0.15 -15.01
C LYS A 10 -0.64 -0.05 -13.59
N LYS A 11 -1.30 -0.95 -12.86
CA LYS A 11 -1.00 -1.24 -11.47
C LYS A 11 -0.36 -2.62 -11.33
N LEU A 12 0.78 -2.64 -10.65
CA LEU A 12 1.52 -3.86 -10.37
C LEU A 12 1.60 -4.04 -8.86
N VAL A 13 1.37 -5.27 -8.40
CA VAL A 13 1.54 -5.62 -6.98
C VAL A 13 2.56 -6.73 -6.88
N ILE A 14 3.46 -6.62 -5.91
CA ILE A 14 4.49 -7.62 -5.68
C ILE A 14 4.23 -8.32 -4.36
N VAL A 15 4.33 -9.64 -4.37
CA VAL A 15 4.15 -10.45 -3.18
C VAL A 15 5.21 -11.56 -3.13
N GLY A 16 5.41 -12.12 -1.95
CA GLY A 16 6.33 -13.22 -1.74
C GLY A 16 6.94 -13.18 -0.35
N ASP A 17 7.66 -14.22 0.01
CA ASP A 17 8.16 -14.36 1.39
C ASP A 17 8.98 -13.16 1.86
N GLY A 18 8.96 -12.92 3.16
CA GLY A 18 9.84 -11.96 3.77
C GLY A 18 11.28 -12.17 3.35
N ALA A 19 11.93 -11.06 3.02
CA ALA A 19 13.34 -11.00 2.70
C ALA A 19 13.69 -11.56 1.31
N CYS A 20 12.70 -11.89 0.49
CA CYS A 20 13.03 -12.52 -0.81
C CYS A 20 13.46 -11.56 -1.90
N GLY A 21 13.48 -10.26 -1.61
CA GLY A 21 14.02 -9.27 -2.54
C GLY A 21 13.03 -8.36 -3.23
N LYS A 22 11.80 -8.30 -2.74
CA LYS A 22 10.74 -7.55 -3.43
C LYS A 22 11.02 -6.04 -3.51
N THR A 23 11.34 -5.44 -2.37
CA THR A 23 11.53 -4.00 -2.33
C THR A 23 12.76 -3.60 -3.14
N CYS A 24 13.85 -4.35 -3.00
CA CYS A 24 15.05 -4.04 -3.77
C CYS A 24 14.77 -4.10 -5.28
N LEU A 25 13.96 -5.08 -5.70
CA LEU A 25 13.62 -5.20 -7.11
C LEU A 25 12.84 -3.95 -7.57
N LEU A 26 11.84 -3.56 -6.80
CA LEU A 26 11.05 -2.38 -7.15
C LEU A 26 11.87 -1.08 -7.17
N ILE A 27 12.78 -0.93 -6.21
CA ILE A 27 13.57 0.29 -6.12
C ILE A 27 14.66 0.33 -7.20
N VAL A 28 15.29 -0.79 -7.50
CA VAL A 28 16.22 -0.81 -8.62
C VAL A 28 15.53 -0.43 -9.90
N PHE A 29 14.33 -0.96 -10.11
CA PHE A 29 13.61 -0.64 -11.32
C PHE A 29 13.17 0.83 -11.37
N SER A 30 12.71 1.38 -10.25
CA SER A 30 12.13 2.73 -10.24
C SER A 30 13.13 3.84 -10.00
N LYS A 31 14.26 3.52 -9.40
CA LYS A 31 15.27 4.53 -9.07
C LYS A 31 16.65 4.26 -9.65
N ASP A 32 16.86 3.06 -10.18
CA ASP A 32 18.16 2.68 -10.75
C ASP A 32 19.25 2.71 -9.69
N GLN A 33 18.86 2.41 -8.45
CA GLN A 33 19.81 2.38 -7.35
C GLN A 33 19.38 1.31 -6.37
N PHE A 34 20.31 0.45 -5.96
CA PHE A 34 20.01 -0.62 -4.99
C PHE A 34 20.00 -0.05 -3.57
N PRO A 35 18.87 -0.23 -2.85
CA PRO A 35 18.77 0.33 -1.50
C PRO A 35 19.52 -0.58 -0.53
N GLU A 36 20.53 -0.06 0.16
CA GLU A 36 21.41 -0.94 0.93
C GLU A 36 20.92 -1.25 2.33
N VAL A 37 20.08 -0.40 2.92
CA VAL A 37 19.54 -0.68 4.25
C VAL A 37 18.23 -1.43 4.12
N TYR A 38 18.18 -2.64 4.71
CA TYR A 38 16.98 -3.48 4.71
C TYR A 38 16.03 -3.05 5.81
N VAL A 39 14.87 -2.56 5.40
CA VAL A 39 13.78 -2.29 6.31
C VAL A 39 12.61 -3.16 5.88
N PRO A 40 12.14 -4.05 6.76
CA PRO A 40 10.97 -4.86 6.37
C PRO A 40 9.78 -3.96 6.04
N THR A 41 9.08 -4.32 4.96
CA THR A 41 8.00 -3.51 4.44
C THR A 41 6.69 -3.78 5.17
N VAL A 42 5.96 -2.70 5.43
CA VAL A 42 4.59 -2.79 5.90
C VAL A 42 3.67 -2.49 4.71
N PHE A 43 3.84 -1.33 4.10
CA PHE A 43 3.12 -0.91 2.90
C PHE A 43 3.93 0.22 2.27
N GLU A 44 4.20 0.12 0.97
CA GLU A 44 4.72 1.26 0.24
C GLU A 44 4.15 1.26 -1.16
N ASN A 45 4.27 2.40 -1.82
CA ASN A 45 3.94 2.45 -3.24
C ASN A 45 4.90 3.39 -3.96
N TYR A 46 5.29 2.99 -5.17
CA TYR A 46 6.27 3.71 -5.97
C TYR A 46 5.71 3.92 -7.37
N VAL A 47 6.41 4.73 -8.15
CA VAL A 47 6.07 4.96 -9.55
C VAL A 47 7.31 4.74 -10.40
N ALA A 48 7.10 4.18 -11.59
CA ALA A 48 8.18 3.93 -12.54
C ALA A 48 7.62 3.97 -13.95
N ASP A 49 8.45 4.28 -14.93
CA ASP A 49 8.01 4.24 -16.31
C ASP A 49 8.83 3.20 -17.05
N ILE A 50 8.27 2.69 -18.14
CA ILE A 50 8.93 1.72 -18.97
C ILE A 50 8.55 1.95 -20.40
N GLU A 51 9.48 1.69 -21.30
CA GLU A 51 9.14 1.60 -22.71
C GLU A 51 9.37 0.16 -23.14
N VAL A 52 8.31 -0.44 -23.66
CA VAL A 52 8.39 -1.82 -24.11
C VAL A 52 7.65 -1.95 -25.42
N ASP A 53 8.29 -2.58 -26.40
CA ASP A 53 7.72 -2.75 -27.71
C ASP A 53 7.24 -1.41 -28.26
N GLY A 54 8.01 -0.36 -28.02
CA GLY A 54 7.66 0.98 -28.51
C GLY A 54 6.46 1.61 -27.84
N LYS A 55 6.10 1.10 -26.65
CA LYS A 55 4.94 1.56 -25.90
C LYS A 55 5.38 2.10 -24.54
N GLN A 56 5.02 3.32 -24.24
CA GLN A 56 5.37 3.95 -22.98
C GLN A 56 4.28 3.74 -21.94
N VAL A 57 4.66 3.12 -20.81
CA VAL A 57 3.70 2.77 -19.78
C VAL A 57 4.21 3.27 -18.43
N GLU A 58 3.32 3.85 -17.65
CA GLU A 58 3.60 4.22 -16.27
C GLU A 58 3.07 3.12 -15.36
N LEU A 59 3.94 2.60 -14.51
CA LEU A 59 3.56 1.56 -13.55
C LEU A 59 3.47 2.08 -12.14
N ALA A 60 2.34 1.83 -11.49
CA ALA A 60 2.25 2.02 -10.05
C ALA A 60 2.71 0.73 -9.40
N LEU A 61 3.71 0.82 -8.54
CA LEU A 61 4.32 -0.36 -7.94
C LEU A 61 3.90 -0.44 -6.49
N TRP A 62 3.07 -1.43 -6.18
CA TRP A 62 2.53 -1.58 -4.82
C TRP A 62 3.34 -2.65 -4.09
N ASP A 63 4.07 -2.20 -3.10
CA ASP A 63 4.99 -3.02 -2.31
C ASP A 63 4.26 -3.52 -1.07
N THR A 64 4.39 -4.80 -0.80
CA THR A 64 3.66 -5.43 0.29
C THR A 64 4.58 -6.16 1.26
N ALA A 65 4.04 -6.44 2.44
CA ALA A 65 4.76 -7.18 3.47
C ALA A 65 4.85 -8.66 3.16
N GLY A 66 6.07 -9.22 3.16
CA GLY A 66 6.22 -10.66 3.06
C GLY A 66 5.91 -11.38 4.36
N GLN A 67 5.93 -10.67 5.49
CA GLN A 67 5.71 -11.31 6.79
C GLN A 67 4.24 -11.67 7.01
N GLU A 68 4.03 -12.86 7.55
CA GLU A 68 2.67 -13.34 7.76
C GLU A 68 1.88 -12.49 8.76
N ASP A 69 2.57 -11.83 9.67
CA ASP A 69 1.89 -10.97 10.64
C ASP A 69 1.08 -9.85 9.96
N TYR A 70 1.41 -9.55 8.70
CA TYR A 70 0.71 -8.49 7.96
C TYR A 70 -0.23 -9.07 6.91
N ASP A 71 -0.56 -10.35 7.03
CA ASP A 71 -1.51 -10.99 6.11
C ASP A 71 -2.82 -10.20 5.96
N ARG A 72 -3.33 -9.61 7.06
CA ARG A 72 -4.60 -8.90 6.98
C ARG A 72 -4.50 -7.54 6.25
N LEU A 73 -3.30 -6.99 6.18
CA LEU A 73 -3.05 -5.74 5.47
C LEU A 73 -2.92 -5.94 3.96
N ARG A 74 -2.43 -7.10 3.55
CA ARG A 74 -2.09 -7.27 2.15
C ARG A 74 -3.27 -7.05 1.20
N PRO A 75 -4.49 -7.50 1.57
CA PRO A 75 -5.61 -7.31 0.65
C PRO A 75 -5.96 -5.87 0.36
N LEU A 76 -5.46 -4.92 1.15
CA LEU A 76 -5.66 -3.52 0.84
C LEU A 76 -4.96 -3.16 -0.47
N SER A 77 -3.94 -3.92 -0.84
CA SER A 77 -3.19 -3.61 -2.06
C SER A 77 -3.74 -4.26 -3.32
N TYR A 78 -4.54 -5.31 -3.17
CA TYR A 78 -4.94 -6.10 -4.33
C TYR A 78 -5.99 -5.51 -5.28
N PRO A 79 -6.84 -4.58 -4.82
CA PRO A 79 -7.89 -4.19 -5.78
C PRO A 79 -7.37 -3.57 -7.07
N ASP A 80 -8.04 -3.94 -8.17
CA ASP A 80 -7.79 -3.34 -9.47
C ASP A 80 -6.34 -3.47 -9.95
N THR A 81 -5.75 -4.63 -9.66
CA THR A 81 -4.40 -4.92 -10.08
C THR A 81 -4.37 -5.43 -11.54
N ASP A 82 -3.38 -4.96 -12.31
CA ASP A 82 -3.21 -5.39 -13.69
C ASP A 82 -2.20 -6.54 -13.87
N VAL A 83 -1.24 -6.64 -12.97
CA VAL A 83 -0.27 -7.72 -12.99
C VAL A 83 0.31 -7.91 -11.59
N ILE A 84 0.60 -9.17 -11.26
CA ILE A 84 1.22 -9.58 -10.02
C ILE A 84 2.62 -10.09 -10.31
N LEU A 85 3.60 -9.62 -9.55
CA LEU A 85 4.92 -10.24 -9.47
C LEU A 85 4.91 -11.09 -8.21
N MET A 86 5.04 -12.40 -8.37
CA MET A 86 5.06 -13.32 -7.25
C MET A 86 6.47 -13.85 -7.16
N CYS A 87 7.14 -13.56 -6.05
CA CYS A 87 8.57 -13.75 -5.95
C CYS A 87 8.96 -14.83 -4.96
N PHE A 88 10.12 -15.42 -5.22
CA PHE A 88 10.85 -16.23 -4.25
C PHE A 88 12.31 -15.88 -4.44
N SER A 89 13.16 -16.36 -3.55
CA SER A 89 14.59 -16.15 -3.68
C SER A 89 15.30 -17.44 -4.07
N ILE A 90 16.21 -17.32 -5.03
CA ILE A 90 16.90 -18.48 -5.57
C ILE A 90 17.82 -19.14 -4.51
N ASP A 91 18.23 -18.39 -3.49
CA ASP A 91 19.02 -18.98 -2.40
C ASP A 91 18.16 -19.55 -1.27
N SER A 92 16.85 -19.60 -1.47
CA SER A 92 15.96 -20.10 -0.43
C SER A 92 14.91 -21.04 -1.02
N PRO A 93 15.26 -22.32 -1.09
CA PRO A 93 14.26 -23.33 -1.49
C PRO A 93 12.94 -23.21 -0.73
N ASP A 94 12.98 -22.89 0.55
CA ASP A 94 11.76 -22.71 1.36
C ASP A 94 10.83 -21.66 0.73
N SER A 95 11.40 -20.57 0.23
CA SER A 95 10.58 -19.51 -0.36
C SER A 95 9.86 -19.97 -1.63
N LEU A 96 10.48 -20.88 -2.39
CA LEU A 96 9.81 -21.46 -3.54
C LEU A 96 8.69 -22.38 -3.09
N GLU A 97 8.91 -23.15 -2.04
CA GLU A 97 7.86 -24.04 -1.54
C GLU A 97 6.62 -23.29 -1.06
N ASN A 98 6.79 -22.05 -0.62
CA ASN A 98 5.66 -21.24 -0.18
C ASN A 98 4.87 -20.65 -1.33
N ILE A 99 5.38 -20.76 -2.55
CA ILE A 99 4.68 -20.25 -3.71
C ILE A 99 3.32 -20.98 -3.90
N PRO A 100 3.32 -22.32 -3.98
CA PRO A 100 2.02 -22.99 -4.12
C PRO A 100 1.25 -23.10 -2.82
N GLU A 101 1.96 -23.08 -1.70
CA GLU A 101 1.31 -23.31 -0.40
C GLU A 101 0.60 -22.06 0.14
N LYS A 102 1.22 -20.89 -0.07
CA LYS A 102 0.72 -19.65 0.51
C LYS A 102 0.34 -18.59 -0.52
N TRP A 103 1.29 -18.20 -1.36
CA TRP A 103 1.08 -17.03 -2.22
C TRP A 103 0.04 -17.28 -3.28
N THR A 104 0.07 -18.45 -3.90
CA THR A 104 -0.84 -18.70 -4.99
C THR A 104 -2.30 -18.76 -4.52
N PRO A 105 -2.59 -19.51 -3.43
CA PRO A 105 -3.99 -19.49 -2.99
C PRO A 105 -4.48 -18.08 -2.62
N GLU A 106 -3.62 -17.27 -2.04
CA GLU A 106 -4.01 -15.91 -1.67
C GLU A 106 -4.30 -15.04 -2.90
N VAL A 107 -3.37 -15.06 -3.85
CA VAL A 107 -3.51 -14.26 -5.06
C VAL A 107 -4.70 -14.75 -5.89
N LYS A 108 -4.91 -16.06 -6.00
CA LYS A 108 -6.03 -16.57 -6.80
C LYS A 108 -7.36 -16.15 -6.16
N HIS A 109 -7.37 -16.01 -4.85
CA HIS A 109 -8.60 -15.61 -4.16
C HIS A 109 -8.92 -14.13 -4.38
N PHE A 110 -7.93 -13.26 -4.18
CA PHE A 110 -8.18 -11.82 -4.25
C PHE A 110 -8.07 -11.24 -5.64
N CYS A 111 -7.35 -11.93 -6.53
CA CYS A 111 -7.06 -11.45 -7.87
C CYS A 111 -7.24 -12.58 -8.89
N PRO A 112 -8.42 -13.17 -8.96
CA PRO A 112 -8.59 -14.45 -9.67
C PRO A 112 -8.14 -14.51 -11.13
N ASN A 113 -8.32 -13.41 -11.86
CA ASN A 113 -7.98 -13.39 -13.29
C ASN A 113 -6.82 -12.45 -13.62
N VAL A 114 -6.06 -12.09 -12.60
CA VAL A 114 -4.89 -11.23 -12.82
C VAL A 114 -3.67 -12.07 -13.18
N PRO A 115 -2.97 -11.71 -14.27
CA PRO A 115 -1.79 -12.51 -14.63
C PRO A 115 -0.67 -12.44 -13.61
N ILE A 116 -0.02 -13.57 -13.39
CA ILE A 116 1.07 -13.69 -12.42
C ILE A 116 2.38 -13.95 -13.16
N ILE A 117 3.39 -13.13 -12.87
CA ILE A 117 4.74 -13.44 -13.28
C ILE A 117 5.42 -14.04 -12.08
N LEU A 118 5.90 -15.28 -12.23
CA LEU A 118 6.67 -15.91 -11.18
C LEU A 118 8.13 -15.49 -11.34
N VAL A 119 8.70 -14.89 -10.30
CA VAL A 119 10.02 -14.28 -10.39
C VAL A 119 10.97 -14.89 -9.34
N GLY A 120 12.07 -15.45 -9.82
CA GLY A 120 13.14 -15.86 -8.94
C GLY A 120 14.15 -14.75 -8.75
N ASN A 121 14.25 -14.23 -7.54
CA ASN A 121 15.14 -13.12 -7.18
C ASN A 121 16.50 -13.62 -6.71
N LYS A 122 17.45 -12.71 -6.64
CA LYS A 122 18.80 -12.98 -6.13
C LYS A 122 19.51 -14.05 -6.97
N LYS A 123 19.34 -13.98 -8.28
CA LYS A 123 19.99 -14.91 -9.18
C LYS A 123 21.52 -14.88 -9.02
N ASP A 124 22.07 -13.76 -8.55
CA ASP A 124 23.52 -13.63 -8.31
C ASP A 124 24.04 -14.63 -7.29
N LEU A 125 23.15 -15.18 -6.47
CA LEU A 125 23.57 -16.11 -5.42
C LEU A 125 23.64 -17.56 -5.90
N ARG A 126 23.07 -17.85 -7.07
CA ARG A 126 23.03 -19.22 -7.54
C ARG A 126 24.42 -19.84 -7.69
N ASN A 127 25.36 -19.07 -8.22
CA ASN A 127 26.73 -19.52 -8.46
C ASN A 127 27.72 -18.90 -7.49
N ASP A 128 27.21 -18.40 -6.36
CA ASP A 128 28.06 -17.86 -5.31
C ASP A 128 28.59 -19.02 -4.46
N GLU A 129 29.90 -19.20 -4.44
CA GLU A 129 30.51 -20.35 -3.77
C GLU A 129 30.12 -20.41 -2.29
N HIS A 130 30.17 -19.27 -1.61
CA HIS A 130 29.84 -19.21 -0.19
C HIS A 130 28.39 -19.65 0.05
N THR A 131 27.48 -19.10 -0.75
CA THR A 131 26.07 -19.47 -0.65
C THR A 131 25.90 -20.98 -0.84
N ARG A 132 26.51 -21.54 -1.88
CA ARG A 132 26.34 -22.95 -2.15
C ARG A 132 26.88 -23.78 -1.00
N ARG A 133 28.03 -23.37 -0.45
CA ARG A 133 28.67 -24.11 0.64
C ARG A 133 27.80 -24.11 1.90
N GLU A 134 27.23 -22.96 2.23
CA GLU A 134 26.40 -22.87 3.42
C GLU A 134 25.12 -23.65 3.24
N LEU A 135 24.47 -23.54 2.07
CA LEU A 135 23.26 -24.33 1.82
C LEU A 135 23.55 -25.82 1.90
N ALA A 136 24.70 -26.25 1.39
CA ALA A 136 25.01 -27.68 1.40
C ALA A 136 25.11 -28.25 2.82
N LYS A 137 25.54 -27.42 3.77
CA LYS A 137 25.65 -27.86 5.16
C LYS A 137 24.27 -28.27 5.67
N MET A 138 23.25 -27.62 5.12
CA MET A 138 21.87 -27.83 5.49
C MET A 138 21.15 -28.78 4.51
N LYS A 139 21.93 -29.44 3.66
CA LYS A 139 21.41 -30.36 2.65
C LYS A 139 20.48 -29.65 1.67
N GLN A 140 20.81 -28.40 1.37
CA GLN A 140 20.05 -27.60 0.43
C GLN A 140 20.95 -27.13 -0.71
N GLU A 141 20.35 -26.63 -1.78
CA GLU A 141 21.10 -26.00 -2.86
C GLU A 141 20.21 -24.93 -3.48
N PRO A 142 20.81 -24.00 -4.23
CA PRO A 142 19.98 -22.97 -4.84
C PRO A 142 18.94 -23.55 -5.79
N VAL A 143 17.83 -22.85 -5.91
CA VAL A 143 16.79 -23.25 -6.84
C VAL A 143 17.33 -23.27 -8.25
N LYS A 144 17.00 -24.33 -8.99
CA LYS A 144 17.40 -24.45 -10.40
C LYS A 144 16.36 -23.83 -11.31
N PRO A 145 16.78 -23.31 -12.47
CA PRO A 145 15.80 -22.75 -13.40
C PRO A 145 14.67 -23.70 -13.76
N GLU A 146 14.98 -24.99 -13.96
CA GLU A 146 13.95 -25.95 -14.29
C GLU A 146 12.89 -26.05 -13.19
N GLU A 147 13.32 -25.88 -11.93
CA GLU A 147 12.39 -25.96 -10.81
C GLU A 147 11.48 -24.75 -10.79
N GLY A 148 12.03 -23.58 -11.10
CA GLY A 148 11.22 -22.38 -11.21
C GLY A 148 10.20 -22.49 -12.34
N ARG A 149 10.64 -22.97 -13.50
CA ARG A 149 9.74 -23.11 -14.63
C ARG A 149 8.65 -24.13 -14.32
N ASP A 150 8.99 -25.24 -13.65
CA ASP A 150 7.98 -26.21 -13.29
C ASP A 150 6.95 -25.60 -12.36
N MET A 151 7.43 -24.82 -11.39
CA MET A 151 6.49 -24.18 -10.48
C MET A 151 5.58 -23.19 -11.22
N ALA A 152 6.12 -22.46 -12.19
CA ALA A 152 5.32 -21.52 -12.96
C ALA A 152 4.16 -22.25 -13.65
N ASN A 153 4.44 -23.44 -14.18
CA ASN A 153 3.39 -24.26 -14.77
C ASN A 153 2.37 -24.74 -13.74
N ARG A 154 2.87 -25.14 -12.57
CA ARG A 154 2.01 -25.64 -11.50
C ARG A 154 1.01 -24.59 -11.01
N ILE A 155 1.39 -23.32 -11.07
CA ILE A 155 0.51 -22.26 -10.56
C ILE A 155 -0.22 -21.46 -11.65
N GLY A 156 -0.08 -21.88 -12.90
CA GLY A 156 -0.75 -21.19 -13.99
C GLY A 156 -0.20 -19.79 -14.23
N ALA A 157 1.11 -19.61 -14.01
CA ALA A 157 1.72 -18.30 -14.21
C ALA A 157 1.67 -17.87 -15.68
N PHE A 158 1.56 -16.58 -15.89
CA PHE A 158 1.67 -15.99 -17.21
C PHE A 158 3.08 -16.18 -17.75
N GLY A 159 4.08 -16.12 -16.87
CA GLY A 159 5.45 -16.22 -17.28
C GLY A 159 6.38 -16.47 -16.12
N TYR A 160 7.62 -16.79 -16.46
CA TYR A 160 8.68 -17.07 -15.48
C TYR A 160 9.92 -16.28 -15.84
N MET A 161 10.47 -15.58 -14.84
CA MET A 161 11.70 -14.81 -15.00
C MET A 161 12.59 -14.93 -13.80
N GLU A 162 13.88 -14.78 -14.00
CA GLU A 162 14.84 -14.68 -12.91
C GLU A 162 15.61 -13.37 -13.03
N CYS A 163 16.01 -12.82 -11.90
CA CYS A 163 16.75 -11.58 -11.90
C CYS A 163 17.63 -11.46 -10.67
N SER A 164 18.52 -10.47 -10.73
CA SER A 164 19.27 -10.00 -9.56
C SER A 164 19.13 -8.48 -9.46
N ALA A 165 18.39 -8.00 -8.47
CA ALA A 165 18.36 -6.58 -8.23
C ALA A 165 19.78 -6.05 -7.94
N LYS A 166 20.59 -6.86 -7.27
CA LYS A 166 21.93 -6.42 -6.86
C LYS A 166 22.83 -6.12 -8.06
N THR A 167 22.78 -6.95 -9.10
CA THR A 167 23.62 -6.72 -10.29
C THR A 167 22.85 -6.10 -11.46
N LYS A 168 21.54 -6.02 -11.31
CA LYS A 168 20.58 -5.55 -12.31
C LYS A 168 20.25 -6.57 -13.41
N ASP A 169 20.94 -7.70 -13.40
CA ASP A 169 20.71 -8.73 -14.42
C ASP A 169 19.24 -9.14 -14.42
N GLY A 170 18.58 -9.06 -15.57
CA GLY A 170 17.22 -9.53 -15.69
C GLY A 170 16.14 -8.60 -15.21
N VAL A 171 16.49 -7.51 -14.53
CA VAL A 171 15.49 -6.61 -13.96
C VAL A 171 14.61 -5.98 -15.04
N ARG A 172 15.24 -5.38 -16.04
CA ARG A 172 14.43 -4.75 -17.09
C ARG A 172 13.47 -5.76 -17.71
N GLU A 173 13.96 -6.97 -17.92
CA GLU A 173 13.17 -8.01 -18.55
C GLU A 173 11.98 -8.48 -17.68
N VAL A 174 12.16 -8.55 -16.37
CA VAL A 174 11.03 -8.84 -15.49
C VAL A 174 9.90 -7.84 -15.75
N PHE A 175 10.26 -6.55 -15.80
CA PHE A 175 9.23 -5.53 -15.92
C PHE A 175 8.68 -5.39 -17.34
N GLU A 176 9.47 -5.75 -18.35
CA GLU A 176 8.96 -5.81 -19.72
C GLU A 176 7.88 -6.91 -19.77
N MET A 177 8.17 -8.09 -19.22
CA MET A 177 7.20 -9.15 -19.24
C MET A 177 5.95 -8.76 -18.45
N ALA A 178 6.15 -8.18 -17.27
CA ALA A 178 5.01 -7.75 -16.45
C ALA A 178 4.13 -6.73 -17.15
N THR A 179 4.77 -5.80 -17.86
CA THR A 179 4.01 -4.77 -18.57
C THR A 179 3.18 -5.36 -19.70
N ARG A 180 3.78 -6.31 -20.41
CA ARG A 180 3.04 -6.97 -21.48
C ARG A 180 1.81 -7.67 -20.91
N ALA A 181 1.98 -8.37 -19.80
CA ALA A 181 0.85 -9.01 -19.13
C ALA A 181 -0.18 -7.96 -18.64
N ALA A 182 0.30 -6.85 -18.08
CA ALA A 182 -0.59 -5.81 -17.59
C ALA A 182 -1.47 -5.23 -18.70
N LEU A 183 -0.95 -5.19 -19.91
CA LEU A 183 -1.66 -4.61 -21.04
C LEU A 183 -2.75 -5.50 -21.62
N GLN A 184 -2.73 -6.79 -21.28
CA GLN A 184 -3.76 -7.69 -21.80
C GLN A 184 -5.08 -7.47 -21.08
N ALA A 185 -6.19 -7.71 -21.76
CA ALA A 185 -7.50 -7.53 -21.13
C ALA A 185 -7.62 -8.39 -19.89
N ALA B 1 -13.33 39.77 15.29
CA ALA B 1 -12.04 39.48 14.77
C ALA B 1 -11.20 38.75 15.76
N ILE B 2 -11.80 37.84 16.52
CA ILE B 2 -11.06 37.10 17.55
C ILE B 2 -10.17 36.12 16.75
N HIS B 3 -8.86 36.01 17.03
CA HIS B 3 -7.90 35.14 16.37
C HIS B 3 -8.25 33.66 16.53
N TYR B 4 -8.07 32.89 15.46
CA TYR B 4 -8.32 31.44 15.44
C TYR B 4 -7.59 30.77 16.58
N GLU B 5 -8.34 29.95 17.31
CA GLU B 5 -7.79 29.06 18.32
C GLU B 5 -8.42 27.67 18.15
N LYS B 6 -7.59 26.64 18.26
CA LYS B 6 -8.04 25.31 17.96
C LYS B 6 -9.16 24.84 18.89
N ASP B 7 -9.07 25.19 20.17
CA ASP B 7 -10.10 24.74 21.11
C ASP B 7 -11.44 25.40 20.81
N GLN B 8 -11.41 26.69 20.46
CA GLN B 8 -12.64 27.38 20.09
C GLN B 8 -13.19 26.86 18.77
N ARG B 9 -12.32 26.57 17.81
CA ARG B 9 -12.76 26.02 16.54
C ARG B 9 -13.44 24.65 16.73
N LEU B 10 -12.92 23.82 17.62
CA LEU B 10 -13.54 22.54 17.88
C LEU B 10 -14.96 22.73 18.42
N LYS B 11 -15.14 23.68 19.33
CA LYS B 11 -16.47 23.97 19.86
C LYS B 11 -17.41 24.41 18.74
N GLU B 12 -16.89 25.23 17.82
CA GLU B 12 -17.67 25.70 16.68
C GLU B 12 -18.05 24.57 15.74
N ILE B 13 -17.12 23.66 15.46
CA ILE B 13 -17.42 22.51 14.62
C ILE B 13 -18.51 21.66 15.27
N ALA B 14 -18.35 21.38 16.56
CA ALA B 14 -19.35 20.60 17.27
C ALA B 14 -20.72 21.29 17.20
N ALA B 15 -20.76 22.60 17.38
CA ALA B 15 -22.03 23.32 17.36
C ALA B 15 -22.73 23.19 16.01
N LYS B 16 -21.95 23.12 14.93
CA LYS B 16 -22.51 23.02 13.59
C LYS B 16 -22.78 21.56 13.17
N THR B 17 -22.42 20.61 14.02
CA THR B 17 -22.63 19.20 13.71
C THR B 17 -24.06 18.78 14.06
N ASP B 18 -24.71 18.09 13.13
CA ASP B 18 -26.08 17.61 13.33
C ASP B 18 -26.18 16.65 14.51
N GLN B 19 -27.11 16.95 15.43
CA GLN B 19 -27.30 16.17 16.65
C GLN B 19 -27.70 14.71 16.36
N LYS B 20 -28.32 14.49 15.21
CA LYS B 20 -28.78 13.15 14.84
C LYS B 20 -27.72 12.33 14.11
N SER B 21 -26.56 12.92 13.84
CA SER B 21 -25.55 12.22 13.06
C SER B 21 -24.58 11.45 13.94
N SER B 22 -24.22 10.25 13.50
CA SER B 22 -23.17 9.51 14.17
C SER B 22 -22.28 8.89 13.12
N GLY B 23 -21.03 8.66 13.49
CA GLY B 23 -20.06 8.06 12.60
C GLY B 23 -19.48 6.81 13.21
N LYS B 24 -19.39 5.76 12.41
CA LYS B 24 -18.85 4.50 12.87
C LYS B 24 -17.32 4.52 12.93
N LEU B 25 -16.80 3.86 13.95
CA LEU B 25 -15.40 3.46 14.02
C LEU B 25 -15.30 2.03 13.49
N LYS B 26 -14.09 1.61 13.15
CA LYS B 26 -13.86 0.25 12.66
C LYS B 26 -14.22 -0.82 13.68
N ASN B 27 -14.10 -0.52 14.97
CA ASN B 27 -14.48 -1.49 16.02
C ASN B 27 -15.96 -1.53 16.35
N GLY B 28 -16.78 -0.81 15.59
CA GLY B 28 -18.21 -0.88 15.74
C GLY B 28 -18.80 0.17 16.66
N LEU B 29 -17.94 0.85 17.42
CA LEU B 29 -18.41 1.96 18.23
C LEU B 29 -18.83 3.09 17.31
N THR B 30 -19.64 4.01 17.82
CA THR B 30 -19.90 5.21 17.06
C THR B 30 -19.48 6.46 17.81
N PHE B 31 -19.34 7.54 17.05
CA PHE B 31 -18.87 8.81 17.54
C PHE B 31 -19.94 9.84 17.21
N ARG B 32 -20.23 10.73 18.14
CA ARG B 32 -21.27 11.73 17.92
C ARG B 32 -20.76 13.12 18.30
N LYS B 33 -21.58 14.12 18.02
CA LYS B 33 -21.27 15.51 18.35
C LYS B 33 -20.73 15.66 19.79
N GLU B 34 -21.40 15.01 20.73
CA GLU B 34 -21.03 15.10 22.14
C GLU B 34 -19.60 14.62 22.39
N ASP B 35 -19.15 13.61 21.66
CA ASP B 35 -17.81 13.08 21.86
C ASP B 35 -16.72 14.07 21.45
N MET B 36 -17.04 14.97 20.53
CA MET B 36 -16.08 15.99 20.12
C MET B 36 -15.65 16.85 21.31
N LEU B 37 -16.56 17.01 22.27
CA LEU B 37 -16.38 17.94 23.38
C LEU B 37 -15.87 17.25 24.65
N GLN B 38 -15.62 15.95 24.57
CA GLN B 38 -15.27 15.16 25.73
C GLN B 38 -13.76 14.98 25.84
N GLN B 39 -13.09 15.96 26.44
CA GLN B 39 -11.68 15.83 26.79
C GLN B 39 -10.81 15.56 25.55
N ARG B 40 -11.14 16.21 24.44
CA ARG B 40 -10.34 16.06 23.23
C ARG B 40 -9.78 17.41 22.76
N GLN B 41 -8.55 17.37 22.28
CA GLN B 41 -7.91 18.52 21.67
C GLN B 41 -7.99 18.40 20.16
N LEU B 42 -8.06 19.55 19.50
CA LEU B 42 -8.00 19.60 18.07
C LEU B 42 -6.56 19.92 17.65
N HIS B 43 -5.96 19.05 16.85
CA HIS B 43 -4.62 19.28 16.32
C HIS B 43 -4.63 20.04 14.98
N LEU B 44 -5.58 19.72 14.11
CA LEU B 44 -5.65 20.31 12.78
C LEU B 44 -7.02 20.05 12.21
N GLU B 45 -7.54 21.00 11.43
CA GLU B 45 -8.76 20.75 10.68
C GLU B 45 -8.66 21.52 9.38
N GLY B 46 -9.22 20.93 8.33
CA GLY B 46 -9.26 21.58 7.05
C GLY B 46 -9.94 20.74 6.00
N ALA B 47 -10.18 21.34 4.85
CA ALA B 47 -10.84 20.66 3.77
C ALA B 47 -9.91 19.65 3.08
N LEU B 48 -10.45 18.47 2.83
CA LEU B 48 -9.80 17.44 2.04
C LEU B 48 -10.81 16.92 1.04
N CYS B 49 -10.34 16.13 0.09
CA CYS B 49 -11.21 15.34 -0.74
C CYS B 49 -10.96 13.85 -0.48
N TRP B 50 -12.03 13.12 -0.24
CA TRP B 50 -11.96 11.69 -0.01
C TRP B 50 -12.27 11.03 -1.36
N LYS B 51 -11.27 10.36 -1.94
CA LYS B 51 -11.45 9.73 -3.25
C LYS B 51 -12.16 8.40 -3.08
N SER B 52 -13.36 8.30 -3.66
CA SER B 52 -14.16 7.10 -3.50
C SER B 52 -13.69 6.04 -4.48
N THR B 53 -14.26 4.84 -4.36
CA THR B 53 -13.98 3.76 -5.29
C THR B 53 -14.38 4.15 -6.71
N SER B 54 -15.56 4.74 -6.86
CA SER B 54 -16.02 5.17 -8.18
C SER B 54 -15.07 6.21 -8.79
N GLY B 55 -14.10 6.67 -8.00
CA GLY B 55 -13.13 7.65 -8.48
C GLY B 55 -13.54 9.09 -8.19
N ARG B 56 -14.74 9.27 -7.64
CA ARG B 56 -15.24 10.60 -7.36
C ARG B 56 -14.55 11.20 -6.15
N LEU B 57 -14.17 12.47 -6.25
CA LEU B 57 -13.58 13.19 -5.14
C LEU B 57 -14.69 13.83 -4.32
N LYS B 58 -14.85 13.38 -3.08
CA LYS B 58 -15.89 13.88 -2.19
C LYS B 58 -15.31 14.90 -1.23
N ASP B 59 -15.84 16.12 -1.24
CA ASP B 59 -15.40 17.15 -0.31
C ASP B 59 -15.74 16.75 1.12
N VAL B 60 -14.74 16.83 2.01
CA VAL B 60 -14.98 16.61 3.43
C VAL B 60 -14.21 17.64 4.23
N LEU B 61 -14.67 17.85 5.46
CA LEU B 61 -13.88 18.54 6.47
C LEU B 61 -13.22 17.46 7.31
N ALA B 62 -11.90 17.47 7.34
CA ALA B 62 -11.15 16.53 8.15
C ALA B 62 -10.75 17.21 9.46
N VAL B 63 -11.01 16.51 10.56
CA VAL B 63 -10.82 17.05 11.90
C VAL B 63 -9.96 16.08 12.71
N LEU B 64 -8.71 16.45 12.92
CA LEU B 64 -7.74 15.62 13.61
C LEU B 64 -7.76 15.96 15.08
N LEU B 65 -8.21 15.01 15.89
CA LEU B 65 -8.32 15.18 17.32
C LEU B 65 -7.29 14.34 18.05
N THR B 66 -7.26 14.43 19.41
CA THR B 66 -6.38 13.71 20.25
C THR B 66 -6.31 12.27 19.89
N ASP B 67 -7.40 11.46 19.63
CA ASP B 67 -7.38 10.02 19.44
C ASP B 67 -8.04 9.52 18.17
N VAL B 68 -8.62 10.43 17.39
CA VAL B 68 -9.31 10.05 16.17
C VAL B 68 -9.12 11.11 15.10
N LEU B 69 -9.31 10.71 13.84
CA LEU B 69 -9.47 11.63 12.73
C LEU B 69 -10.91 11.49 12.23
N LEU B 70 -11.64 12.60 12.20
CA LEU B 70 -13.03 12.61 11.76
C LEU B 70 -13.11 13.12 10.33
N LEU B 71 -13.97 12.48 9.53
CA LEU B 71 -14.25 12.96 8.19
C LEU B 71 -15.71 13.35 8.14
N LEU B 72 -15.98 14.64 7.90
CA LEU B 72 -17.34 15.17 7.93
C LEU B 72 -17.76 15.69 6.57
N GLN B 73 -19.05 15.56 6.24
CA GLN B 73 -19.62 16.21 5.06
C GLN B 73 -20.61 17.27 5.49
N GLU B 74 -21.10 18.06 4.53
CA GLU B 74 -22.12 19.08 4.79
C GLU B 74 -23.51 18.62 4.37
N LYS B 75 -24.51 19.02 5.14
CA LYS B 75 -25.91 18.75 4.79
C LYS B 75 -26.82 19.71 5.52
N ASP B 76 -27.63 20.43 4.76
CA ASP B 76 -28.52 21.43 5.33
C ASP B 76 -27.77 22.35 6.28
N GLN B 77 -26.59 22.81 5.86
CA GLN B 77 -25.85 23.80 6.64
C GLN B 77 -25.25 23.27 7.93
N LYS B 78 -25.26 21.94 8.10
CA LYS B 78 -24.69 21.34 9.29
C LYS B 78 -23.71 20.26 8.86
N TYR B 79 -22.81 19.86 9.76
CA TYR B 79 -21.94 18.74 9.46
C TYR B 79 -22.63 17.42 9.80
N VAL B 80 -22.37 16.43 8.96
CA VAL B 80 -22.73 15.07 9.24
C VAL B 80 -21.45 14.25 9.08
N PHE B 81 -21.40 13.07 9.69
CA PHE B 81 -20.26 12.20 9.48
C PHE B 81 -20.34 11.65 8.06
N ALA B 82 -19.17 11.62 7.41
CA ALA B 82 -19.11 11.36 5.98
C ALA B 82 -19.56 9.95 5.66
N SER B 83 -20.25 9.83 4.53
CA SER B 83 -20.69 8.54 4.00
C SER B 83 -20.01 8.29 2.66
N VAL B 84 -18.94 7.52 2.69
CA VAL B 84 -18.21 7.21 1.46
C VAL B 84 -17.81 5.74 1.50
N ASP B 85 -18.29 4.99 0.50
CA ASP B 85 -17.98 3.57 0.33
C ASP B 85 -18.24 2.73 1.57
N SER B 86 -19.16 3.18 2.42
CA SER B 86 -19.52 2.46 3.64
C SER B 86 -18.32 2.25 4.57
N LYS B 87 -17.29 3.07 4.42
CA LYS B 87 -16.10 2.99 5.27
C LYS B 87 -16.27 3.83 6.51
N PRO B 88 -15.65 3.43 7.63
CA PRO B 88 -15.75 4.23 8.85
C PRO B 88 -15.24 5.66 8.63
N PRO B 89 -16.06 6.67 8.93
CA PRO B 89 -15.60 8.05 8.79
C PRO B 89 -14.89 8.55 10.05
N VAL B 90 -14.79 7.69 11.07
CA VAL B 90 -14.06 8.01 12.30
C VAL B 90 -12.90 7.03 12.38
N ILE B 91 -11.69 7.55 12.29
CA ILE B 91 -10.48 6.73 12.15
C ILE B 91 -9.70 6.79 13.44
N SER B 92 -9.49 5.65 14.08
CA SER B 92 -8.67 5.61 15.29
C SER B 92 -7.22 5.90 14.93
N LEU B 93 -6.57 6.73 15.75
CA LEU B 93 -5.16 7.06 15.50
C LEU B 93 -4.21 5.95 15.93
N GLN B 94 -4.67 5.05 16.78
CA GLN B 94 -3.82 3.95 17.19
C GLN B 94 -3.46 3.05 15.99
N LYS B 95 -2.17 2.91 15.72
CA LYS B 95 -1.69 2.01 14.66
C LYS B 95 -1.97 2.54 13.25
N LEU B 96 -2.26 3.83 13.15
CA LEU B 96 -2.50 4.46 11.87
C LEU B 96 -1.17 4.81 11.24
N ILE B 97 -1.00 4.48 9.97
CA ILE B 97 0.16 4.96 9.25
C ILE B 97 -0.27 5.79 8.05
N VAL B 98 0.65 6.63 7.60
CA VAL B 98 0.38 7.50 6.47
C VAL B 98 1.47 7.30 5.42
N ARG B 99 1.07 7.35 4.15
CA ARG B 99 1.99 7.19 3.04
C ARG B 99 1.67 8.17 1.92
N GLU B 100 2.72 8.57 1.19
CA GLU B 100 2.53 9.36 0.00
C GLU B 100 1.89 8.47 -1.05
N VAL B 101 1.12 9.09 -1.94
CA VAL B 101 0.67 8.45 -3.17
C VAL B 101 1.69 8.78 -4.25
N ALA B 102 2.41 7.77 -4.71
CA ALA B 102 3.59 8.00 -5.56
C ALA B 102 3.27 8.76 -6.84
N ASN B 103 2.07 8.59 -7.40
CA ASN B 103 1.76 9.26 -8.66
C ASN B 103 0.89 10.51 -8.53
N GLU B 104 0.68 10.95 -7.28
CA GLU B 104 -0.12 12.14 -7.03
C GLU B 104 0.38 12.88 -5.80
N GLU B 105 1.14 13.95 -6.02
CA GLU B 105 1.84 14.63 -4.94
C GLU B 105 0.90 15.37 -3.99
N LYS B 106 -0.36 15.57 -4.40
CA LYS B 106 -1.34 16.21 -3.56
C LYS B 106 -2.00 15.24 -2.59
N ALA B 107 -1.83 13.94 -2.82
CA ALA B 107 -2.60 12.94 -2.06
C ALA B 107 -1.78 12.16 -1.03
N MET B 108 -2.50 11.48 -0.15
CA MET B 108 -1.92 10.63 0.87
C MET B 108 -2.82 9.44 1.11
N PHE B 109 -2.22 8.30 1.44
CA PHE B 109 -2.93 7.13 1.92
C PHE B 109 -2.89 7.13 3.44
N LEU B 110 -4.06 6.89 4.05
CA LEU B 110 -4.16 6.66 5.49
C LEU B 110 -4.55 5.20 5.64
N ILE B 111 -3.75 4.46 6.39
CA ILE B 111 -4.01 3.04 6.58
C ILE B 111 -4.14 2.74 8.07
N SER B 112 -5.33 2.33 8.47
CA SER B 112 -5.55 2.02 9.89
C SER B 112 -5.44 0.47 10.11
N ALA B 113 -5.00 0.00 11.30
CA ALA B 113 -4.87 -1.46 11.68
C ALA B 113 -5.65 -1.75 12.97
N MET B 115 -7.36 -5.02 14.68
CA MET B 115 -8.19 -5.73 15.66
C MET B 115 -9.40 -6.35 14.96
N GLN B 116 -10.17 -5.46 14.35
CA GLN B 116 -11.40 -5.77 13.56
C GLN B 116 -10.99 -5.66 12.07
N GLY B 117 -9.70 -5.48 11.82
CA GLY B 117 -9.18 -5.42 10.47
C GLY B 117 -8.65 -4.04 10.15
N PRO B 118 -8.02 -3.89 8.98
CA PRO B 118 -7.53 -2.62 8.48
C PRO B 118 -8.44 -1.93 7.46
N GLU B 119 -8.13 -0.66 7.19
CA GLU B 119 -8.88 0.14 6.24
C GLU B 119 -7.93 1.11 5.57
N MET B 120 -8.17 1.39 4.29
CA MET B 120 -7.34 2.36 3.58
C MET B 120 -8.19 3.50 3.06
N TYR B 121 -7.67 4.71 3.22
CA TYR B 121 -8.31 5.93 2.74
C TYR B 121 -7.35 6.68 1.83
N GLU B 122 -7.84 7.16 0.70
CA GLU B 122 -7.03 7.96 -0.20
C GLU B 122 -7.57 9.39 -0.18
N MET B 123 -6.78 10.28 0.38
CA MET B 123 -7.21 11.65 0.62
C MET B 123 -6.39 12.63 -0.20
N TYR B 124 -7.09 13.61 -0.79
CA TYR B 124 -6.45 14.62 -1.61
C TYR B 124 -6.46 15.96 -0.89
N THR B 125 -5.29 16.60 -0.87
CA THR B 125 -5.15 17.95 -0.39
C THR B 125 -5.02 18.89 -1.59
N SER B 126 -4.82 20.18 -1.32
CA SER B 126 -4.74 21.16 -2.40
C SER B 126 -3.36 21.24 -3.05
N SER B 127 -2.34 20.69 -2.41
CA SER B 127 -0.98 20.84 -2.90
C SER B 127 -0.01 19.90 -2.20
N LYS B 128 1.18 19.75 -2.77
CA LYS B 128 2.21 18.93 -2.15
C LYS B 128 2.57 19.48 -0.75
N GLU B 129 2.65 20.80 -0.64
CA GLU B 129 2.96 21.44 0.63
C GLU B 129 1.90 21.10 1.68
N ASP B 130 0.63 21.18 1.29
CA ASP B 130 -0.47 20.84 2.19
C ASP B 130 -0.44 19.35 2.55
N ARG B 131 -0.09 18.49 1.59
CA ARG B 131 0.07 17.08 1.89
C ARG B 131 1.08 16.87 3.01
N ASN B 132 2.24 17.51 2.89
CA ASN B 132 3.29 17.38 3.89
C ASN B 132 2.85 17.87 5.26
N ILE B 133 2.13 18.99 5.29
CA ILE B 133 1.59 19.48 6.56
C ILE B 133 0.62 18.48 7.18
N TRP B 134 -0.31 17.97 6.40
CA TRP B 134 -1.25 16.97 6.90
C TRP B 134 -0.54 15.72 7.37
N MET B 135 0.39 15.21 6.59
CA MET B 135 1.07 13.98 6.99
C MET B 135 1.85 14.20 8.29
N ALA B 136 2.49 15.36 8.41
CA ALA B 136 3.28 15.63 9.60
C ALA B 136 2.39 15.72 10.84
N HIS B 137 1.26 16.41 10.70
CA HIS B 137 0.33 16.56 11.82
C HIS B 137 -0.28 15.20 12.22
N ILE B 138 -0.65 14.40 11.24
CA ILE B 138 -1.25 13.10 11.53
C ILE B 138 -0.24 12.22 12.25
N ARG B 139 1.00 12.21 11.75
CA ARG B 139 2.04 11.42 12.40
C ARG B 139 2.31 11.87 13.82
N ARG B 140 2.31 13.18 14.06
CA ARG B 140 2.53 13.67 15.42
C ARG B 140 1.38 13.28 16.33
N ALA B 141 0.15 13.36 15.82
CA ALA B 141 -1.02 13.00 16.62
C ALA B 141 -0.99 11.53 16.97
N VAL B 142 -0.62 10.70 15.99
CA VAL B 142 -0.49 9.26 16.23
C VAL B 142 0.56 8.98 17.31
N GLU B 143 1.68 9.70 17.26
CA GLU B 143 2.76 9.57 18.25
C GLU B 143 2.30 9.85 19.66
N SER B 144 1.51 10.90 19.86
CA SER B 144 1.08 11.34 21.23
C SER B 144 -0.32 10.80 21.54
N CYS B 145 -0.84 9.80 20.81
CA CYS B 145 -2.25 9.35 20.96
C CYS B 145 -2.24 8.49 22.26
N PRO B 146 -3.22 8.59 23.13
CA PRO B 146 -3.25 7.82 24.37
C PRO B 146 -3.62 6.40 24.09
PG GSP C . 9.94 -7.80 3.22
O3B GSP C . 11.30 -8.18 2.37
S1G GSP C . 10.33 -8.31 5.00
O2G GSP C . 9.75 -6.26 3.00
O3G GSP C . 8.78 -8.62 2.60
PB GSP C . 11.65 -7.90 0.79
O1B GSP C . 11.18 -6.55 0.34
O2B GSP C . 11.18 -9.10 0.01
PA GSP C . 14.27 -6.78 0.39
O1A GSP C . 14.18 -5.70 1.38
O2A GSP C . 14.09 -6.40 -1.03
O3A GSP C . 13.25 -7.99 0.79
O5' GSP C . 15.66 -7.57 0.55
C5' GSP C . 15.95 -8.36 1.72
C4' GSP C . 17.45 -8.58 1.79
O4' GSP C . 17.90 -9.24 0.57
C3' GSP C . 18.26 -7.31 1.93
O3' GSP C . 19.37 -7.60 2.80
C2' GSP C . 18.68 -7.07 0.50
O2' GSP C . 19.83 -6.24 0.35
C1' GSP C . 18.91 -8.47 -0.02
N9 GSP C . 18.73 -8.54 -1.48
C8 GSP C . 17.68 -7.99 -2.20
N7 GSP C . 17.88 -8.26 -3.51
C5 GSP C . 19.04 -8.98 -3.63
C6 GSP C . 19.73 -9.53 -4.72
O6 GSP C . 19.36 -9.39 -5.91
N1 GSP C . 20.88 -10.22 -4.45
C2 GSP C . 21.34 -10.37 -3.16
N2 GSP C . 22.45 -11.05 -2.98
N3 GSP C . 20.69 -9.84 -2.10
C4 GSP C . 19.57 -9.16 -2.35
HOG2 GSP C . 10.40 -5.76 2.45
HOG3 GSP C . 8.94 -9.23 1.85
H5'1 GSP C . 15.44 -9.31 1.67
H5'2 GSP C . 15.61 -7.83 2.61
H4' GSP C . 17.65 -9.22 2.65
H3' GSP C . 17.64 -6.50 2.31
HO3' GSP C . 20.20 -7.57 2.29
H2' GSP C . 17.85 -6.63 -0.03
HO2' GSP C . 20.55 -6.77 -0.06
H1' GSP C . 19.90 -8.82 0.27
H8 GSP C . 16.84 -7.43 -1.79
HN21 GSP C . 22.81 -11.18 -2.05
HN22 GSP C . 22.94 -11.44 -3.79
MG MG D . 10.14 -5.11 1.37
C1 EDO E . 15.63 -2.58 0.87
O1 EDO E . 16.02 -3.80 1.55
C2 EDO E . 14.38 -2.01 1.53
O2 EDO E . 14.74 -1.48 2.78
H11 EDO E . 16.44 -1.86 0.91
H12 EDO E . 15.42 -2.81 -0.18
HO1 EDO E . 16.81 -4.16 1.13
H21 EDO E . 13.63 -2.79 1.66
H22 EDO E . 13.96 -1.22 0.90
HO2 EDO E . 13.97 -1.10 3.22
#